data_1KY7
#
_entry.id   1KY7
#
_cell.length_a   40.630
_cell.length_b   73.690
_cell.length_c   41.940
_cell.angle_alpha   90.00
_cell.angle_beta   99.74
_cell.angle_gamma   90.00
#
_symmetry.space_group_name_H-M   'P 1 21 1'
#
loop_
_entity.id
_entity.type
_entity.pdbx_description
1 polymer 'ALPHA-ADAPTIN C'
2 polymer AMPHIPHYSIN
3 water water
#
loop_
_entity_poly.entity_id
_entity_poly.type
_entity_poly.pdbx_seq_one_letter_code
_entity_poly.pdbx_strand_id
1 'polypeptide(L)'
;GSPGIRLGSSEDNFARFVCKNNGVLFENQLLQIGLKSEFRQNLGRMFIFYGNKTSTQFLNFTPTLICADDLQTNLNLQTK
PVDPTVDGGAQVQQVVNIECISDFTEAPVLNIQFRYGGTFQNVSVKLPITLNKFFQPTEMASQDFFQRWKQLSNPQQEVQ
NIFKAKHPMDTEITKAKIIGFGSALLEEVDPNPANFVGAGIIHTKTTQIGCLLRLEPNLQAQMYRLTLRTSKDTVSQRLC
ELLSEQF
;
A
2 'polypeptide(L)' SFFEDNFVPE P
#
# COMPACT_ATOMS: atom_id res chain seq x y z
N GLY A 1 -4.25 -0.57 13.52
CA GLY A 1 -5.62 -0.44 14.10
C GLY A 1 -5.59 -0.03 15.56
N SER A 2 -6.07 1.18 15.85
CA SER A 2 -6.10 1.69 17.22
C SER A 2 -7.47 2.26 17.60
N PRO A 3 -7.78 2.32 18.90
CA PRO A 3 -9.05 2.83 19.40
C PRO A 3 -9.07 4.34 19.62
N GLY A 4 -9.97 5.01 18.90
CA GLY A 4 -10.07 6.44 19.03
C GLY A 4 -10.01 7.07 17.67
N ILE A 5 -10.57 8.28 17.58
CA ILE A 5 -10.63 9.05 16.35
C ILE A 5 -9.27 9.18 15.63
N ARG A 6 -9.28 8.86 14.33
CA ARG A 6 -8.07 8.93 13.52
C ARG A 6 -8.01 10.23 12.74
N LEU A 7 -7.76 11.30 13.48
CA LEU A 7 -7.63 12.65 12.93
C LEU A 7 -6.50 13.26 13.75
N GLY A 8 -5.42 13.63 13.08
CA GLY A 8 -4.30 14.20 13.81
C GLY A 8 -3.52 13.06 14.42
N SER A 9 -3.74 11.87 13.87
CA SER A 9 -3.04 10.68 14.33
C SER A 9 -1.90 10.48 13.32
N SER A 10 -1.14 9.39 13.51
CA SER A 10 0.01 9.05 12.65
C SER A 10 -0.33 8.44 11.29
N GLU A 11 -1.61 8.19 11.04
CA GLU A 11 -2.02 7.57 9.79
C GLU A 11 -3.32 8.14 9.25
N ASP A 12 -3.42 9.46 9.21
CA ASP A 12 -4.61 10.16 8.70
C ASP A 12 -4.82 9.89 7.20
N ASN A 13 -3.73 9.94 6.42
CA ASN A 13 -3.83 9.73 4.98
C ASN A 13 -3.09 8.48 4.49
N PHE A 14 -2.72 7.59 5.41
CA PHE A 14 -1.98 6.38 5.04
C PHE A 14 -2.69 5.57 3.95
N ALA A 15 -3.99 5.37 4.11
CA ALA A 15 -4.79 4.58 3.18
C ALA A 15 -4.81 5.11 1.76
N ARG A 16 -4.56 6.39 1.58
CA ARG A 16 -4.58 6.99 0.24
C ARG A 16 -3.33 6.67 -0.59
N PHE A 17 -2.34 6.05 0.03
CA PHE A 17 -1.10 5.72 -0.65
C PHE A 17 -0.88 4.26 -0.92
N VAL A 18 -1.95 3.47 -0.89
CA VAL A 18 -1.87 2.03 -1.11
C VAL A 18 -1.89 1.71 -2.60
N CYS A 19 -2.78 2.37 -3.34
CA CYS A 19 -2.92 2.15 -4.79
C CYS A 19 -2.31 3.23 -5.66
N LYS A 20 -1.62 4.19 -5.06
CA LYS A 20 -0.93 5.24 -5.82
C LYS A 20 0.29 5.58 -4.99
N ASN A 21 1.34 6.07 -5.65
CA ASN A 21 2.58 6.39 -4.97
C ASN A 21 2.80 7.88 -4.61
N ASN A 22 2.05 8.77 -5.24
CA ASN A 22 2.25 10.20 -5.00
C ASN A 22 1.16 10.96 -4.26
N GLY A 23 1.57 12.02 -3.57
CA GLY A 23 0.63 12.82 -2.84
C GLY A 23 1.24 13.44 -1.60
N VAL A 24 0.41 14.16 -0.86
CA VAL A 24 0.82 14.81 0.37
C VAL A 24 0.45 13.85 1.48
N LEU A 25 1.45 13.28 2.15
CA LEU A 25 1.16 12.32 3.23
C LEU A 25 0.70 12.97 4.54
N PHE A 26 1.25 14.14 4.82
CA PHE A 26 0.92 14.83 6.06
C PHE A 26 1.16 16.32 5.94
N GLU A 27 0.34 17.09 6.61
CA GLU A 27 0.54 18.53 6.57
C GLU A 27 -0.07 19.18 7.79
N ASN A 28 0.78 19.82 8.61
CA ASN A 28 0.24 20.52 9.74
C ASN A 28 0.36 22.01 9.43
N GLN A 29 0.44 22.88 10.42
CA GLN A 29 0.49 24.29 10.09
C GLN A 29 1.88 24.82 9.82
N LEU A 30 2.89 23.98 10.04
CA LEU A 30 4.28 24.38 9.83
C LEU A 30 4.94 23.62 8.67
N LEU A 31 4.56 22.36 8.52
CA LEU A 31 5.18 21.46 7.56
C LEU A 31 4.27 20.58 6.73
N GLN A 32 4.70 20.33 5.50
CA GLN A 32 4.00 19.48 4.55
C GLN A 32 4.98 18.42 4.12
N ILE A 33 4.60 17.15 4.24
CA ILE A 33 5.47 16.07 3.80
C ILE A 33 4.84 15.44 2.55
N GLY A 34 5.55 15.56 1.42
CA GLY A 34 5.06 14.98 0.19
C GLY A 34 5.80 13.70 -0.15
N LEU A 35 5.23 12.89 -1.04
CA LEU A 35 5.86 11.63 -1.40
C LEU A 35 5.81 11.34 -2.90
N LYS A 36 6.91 10.80 -3.41
CA LYS A 36 7.01 10.36 -4.80
C LYS A 36 7.74 9.01 -4.72
N SER A 37 7.16 7.96 -5.26
CA SER A 37 7.82 6.65 -5.20
C SER A 37 7.73 5.78 -6.45
N GLU A 38 8.67 4.85 -6.55
CA GLU A 38 8.74 3.90 -7.65
C GLU A 38 9.24 2.56 -7.11
N PHE A 39 8.69 1.47 -7.61
CA PHE A 39 9.08 0.13 -7.15
C PHE A 39 9.37 -0.78 -8.33
N ARG A 40 10.30 -1.70 -8.17
CA ARG A 40 10.65 -2.66 -9.22
C ARG A 40 11.20 -3.89 -8.54
N GLN A 41 10.65 -5.05 -8.90
CA GLN A 41 11.05 -6.33 -8.31
C GLN A 41 10.75 -6.19 -6.81
N ASN A 42 11.74 -6.50 -5.96
CA ASN A 42 11.54 -6.41 -4.52
C ASN A 42 12.14 -5.11 -3.99
N LEU A 43 12.30 -4.13 -4.88
CA LEU A 43 12.91 -2.87 -4.50
C LEU A 43 12.11 -1.60 -4.79
N GLY A 44 12.57 -0.51 -4.22
CA GLY A 44 11.89 0.74 -4.46
C GLY A 44 12.73 1.90 -4.02
N ARG A 45 12.28 3.08 -4.40
CA ARG A 45 12.95 4.30 -4.03
C ARG A 45 11.82 5.28 -3.71
N MET A 46 11.87 5.85 -2.52
CA MET A 46 10.84 6.80 -2.13
C MET A 46 11.45 8.16 -1.89
N PHE A 47 10.91 9.17 -2.56
CA PHE A 47 11.38 10.54 -2.36
C PHE A 47 10.45 11.21 -1.36
N ILE A 48 11.04 11.80 -0.33
CA ILE A 48 10.25 12.48 0.68
C ILE A 48 10.56 13.95 0.66
N PHE A 49 9.52 14.75 0.43
CA PHE A 49 9.66 16.19 0.34
C PHE A 49 9.14 16.87 1.58
N TYR A 50 10.01 17.65 2.22
CA TYR A 50 9.68 18.40 3.43
C TYR A 50 9.54 19.89 3.13
N GLY A 51 8.30 20.37 3.16
CA GLY A 51 8.05 21.76 2.87
C GLY A 51 7.75 22.59 4.11
N ASN A 52 8.58 23.61 4.29
CA ASN A 52 8.48 24.56 5.38
C ASN A 52 7.43 25.57 4.91
N LYS A 53 6.34 25.70 5.66
CA LYS A 53 5.27 26.61 5.25
C LYS A 53 5.36 27.97 5.93
N THR A 54 6.36 28.14 6.77
CA THR A 54 6.50 29.39 7.49
C THR A 54 7.44 30.38 6.82
N SER A 55 7.62 31.53 7.47
CA SER A 55 8.49 32.58 6.97
C SER A 55 9.88 32.51 7.59
N THR A 56 10.10 31.51 8.45
CA THR A 56 11.38 31.34 9.10
C THR A 56 11.93 29.91 9.00
N GLN A 57 13.25 29.79 9.14
CA GLN A 57 13.97 28.51 9.08
C GLN A 57 13.67 27.48 10.15
N PHE A 58 13.77 26.22 9.77
CA PHE A 58 13.64 25.12 10.74
C PHE A 58 15.11 24.78 11.00
N LEU A 59 15.47 24.52 12.24
CA LEU A 59 16.86 24.16 12.57
C LEU A 59 16.91 22.76 13.16
N ASN A 60 18.04 22.10 13.01
CA ASN A 60 18.23 20.75 13.52
C ASN A 60 17.13 19.85 12.97
N PHE A 61 16.81 20.03 11.69
CA PHE A 61 15.77 19.26 11.05
C PHE A 61 16.24 17.80 10.86
N THR A 62 15.71 16.89 11.68
CA THR A 62 16.12 15.50 11.64
C THR A 62 15.03 14.44 11.46
N PRO A 63 14.92 13.89 10.24
CA PRO A 63 13.94 12.85 9.93
C PRO A 63 14.56 11.46 10.11
N THR A 64 13.86 10.59 10.82
CA THR A 64 14.35 9.24 11.07
C THR A 64 13.30 8.18 10.73
N LEU A 65 13.76 7.09 10.11
CA LEU A 65 12.89 5.99 9.75
C LEU A 65 13.00 4.92 10.86
N ILE A 66 11.86 4.45 11.36
CA ILE A 66 11.84 3.44 12.41
C ILE A 66 11.02 2.20 12.05
N CYS A 67 11.68 1.05 11.95
CA CYS A 67 11.01 -0.20 11.61
C CYS A 67 10.93 -1.16 12.82
N ALA A 68 9.73 -1.48 13.27
CA ALA A 68 9.52 -2.39 14.40
C ALA A 68 10.43 -3.62 14.30
N ASP A 69 10.66 -4.28 15.44
CA ASP A 69 11.55 -5.45 15.54
C ASP A 69 11.39 -6.48 14.42
N ASP A 70 10.15 -6.84 14.11
CA ASP A 70 9.90 -7.83 13.05
C ASP A 70 10.00 -7.19 11.66
N LEU A 71 9.37 -6.03 11.51
CA LEU A 71 9.40 -5.31 10.25
C LEU A 71 10.83 -5.23 9.72
N GLN A 72 11.74 -4.83 10.60
CA GLN A 72 13.15 -4.69 10.27
C GLN A 72 13.74 -5.93 9.58
N THR A 73 13.42 -7.13 10.05
CA THR A 73 13.99 -8.30 9.40
C THR A 73 13.27 -8.55 8.06
N ASN A 74 12.11 -7.92 7.85
CA ASN A 74 11.38 -8.11 6.59
C ASN A 74 11.56 -6.99 5.58
N LEU A 75 11.94 -5.82 6.06
CA LEU A 75 12.10 -4.65 5.22
C LEU A 75 13.41 -3.90 5.52
N ASN A 76 14.14 -3.56 4.47
CA ASN A 76 15.41 -2.87 4.65
C ASN A 76 15.34 -1.47 4.05
N LEU A 77 15.58 -0.47 4.88
CA LEU A 77 15.55 0.91 4.42
C LEU A 77 16.91 1.57 4.60
N GLN A 78 17.37 2.26 3.58
CA GLN A 78 18.64 2.95 3.62
C GLN A 78 18.43 4.37 3.08
N THR A 79 19.10 5.33 3.69
CA THR A 79 18.93 6.70 3.24
C THR A 79 20.12 7.54 3.67
N LYS A 80 20.19 8.77 3.18
CA LYS A 80 21.26 9.68 3.55
C LYS A 80 20.74 10.84 4.38
N PRO A 81 21.60 11.44 5.21
CA PRO A 81 21.19 12.57 6.05
C PRO A 81 20.72 13.76 5.23
N VAL A 82 19.83 14.54 5.80
CA VAL A 82 19.29 15.73 5.14
C VAL A 82 19.89 16.94 5.86
N ASP A 83 20.12 18.05 5.14
CA ASP A 83 20.69 19.25 5.76
C ASP A 83 19.69 19.72 6.82
N PRO A 84 20.12 19.79 8.08
CA PRO A 84 19.30 20.22 9.22
C PRO A 84 18.68 21.61 9.16
N THR A 85 18.94 22.37 8.09
CA THR A 85 18.42 23.74 7.96
C THR A 85 17.52 23.91 6.75
N VAL A 86 16.25 24.24 7.00
CA VAL A 86 15.31 24.41 5.91
C VAL A 86 14.74 25.82 5.96
N ASP A 87 15.04 26.61 4.93
CA ASP A 87 14.55 27.99 4.87
C ASP A 87 13.02 28.02 4.82
N GLY A 88 12.45 29.18 5.16
CA GLY A 88 11.00 29.33 5.13
C GLY A 88 10.55 29.24 3.69
N GLY A 89 9.48 28.52 3.43
CA GLY A 89 8.99 28.39 2.08
C GLY A 89 9.80 27.43 1.23
N ALA A 90 10.90 26.91 1.75
CA ALA A 90 11.73 25.98 1.00
C ALA A 90 11.33 24.52 1.20
N GLN A 91 11.80 23.67 0.29
CA GLN A 91 11.53 22.24 0.35
C GLN A 91 12.85 21.48 0.30
N VAL A 92 13.02 20.49 1.16
CA VAL A 92 14.24 19.68 1.15
C VAL A 92 13.88 18.22 0.86
N GLN A 93 14.68 17.57 0.03
CA GLN A 93 14.40 16.20 -0.37
C GLN A 93 15.24 15.11 0.28
N GLN A 94 14.59 13.99 0.60
CA GLN A 94 15.28 12.85 1.18
C GLN A 94 14.92 11.61 0.37
N VAL A 95 15.94 10.87 -0.03
CA VAL A 95 15.75 9.65 -0.80
C VAL A 95 15.89 8.42 0.11
N VAL A 96 14.89 7.53 0.04
CA VAL A 96 14.89 6.32 0.83
C VAL A 96 14.92 5.11 -0.11
N ASN A 97 15.97 4.31 0.00
CA ASN A 97 16.10 3.12 -0.84
C ASN A 97 15.48 1.96 -0.09
N ILE A 98 14.62 1.24 -0.79
CA ILE A 98 13.87 0.17 -0.18
C ILE A 98 14.16 -1.21 -0.71
N GLU A 99 14.29 -2.16 0.19
CA GLU A 99 14.51 -3.56 -0.17
C GLU A 99 13.61 -4.44 0.67
N CYS A 100 12.70 -5.17 0.03
CA CYS A 100 11.82 -6.08 0.75
C CYS A 100 12.46 -7.46 0.88
N ILE A 101 12.75 -7.86 2.12
CA ILE A 101 13.38 -9.14 2.47
C ILE A 101 12.40 -10.32 2.42
N SER A 102 11.24 -10.13 3.03
CA SER A 102 10.17 -11.13 3.07
C SER A 102 8.84 -10.41 3.28
N ASP A 103 7.70 -11.09 3.08
CA ASP A 103 6.41 -10.43 3.25
C ASP A 103 6.27 -9.83 4.66
N PHE A 104 5.51 -8.74 4.74
CA PHE A 104 5.35 -8.01 6.01
C PHE A 104 3.97 -7.37 6.08
N THR A 105 3.56 -6.97 7.28
CA THR A 105 2.26 -6.37 7.46
C THR A 105 2.41 -4.98 7.99
N GLU A 106 3.29 -4.84 8.97
CA GLU A 106 3.59 -3.55 9.61
C GLU A 106 4.11 -2.48 8.65
N ALA A 107 3.96 -1.22 9.06
CA ALA A 107 4.45 -0.10 8.26
C ALA A 107 5.53 0.67 9.04
N PRO A 108 6.58 1.16 8.35
CA PRO A 108 7.70 1.92 8.95
C PRO A 108 7.21 3.21 9.59
N VAL A 109 7.96 3.75 10.54
CA VAL A 109 7.51 5.01 11.13
C VAL A 109 8.49 6.13 10.77
N LEU A 110 7.95 7.24 10.27
CA LEU A 110 8.79 8.38 9.95
C LEU A 110 8.71 9.36 11.11
N ASN A 111 9.83 9.60 11.78
CA ASN A 111 9.83 10.55 12.88
C ASN A 111 10.61 11.80 12.49
N ILE A 112 9.97 12.96 12.62
CA ILE A 112 10.63 14.21 12.29
C ILE A 112 10.81 15.08 13.52
N GLN A 113 12.03 15.54 13.74
CA GLN A 113 12.29 16.41 14.88
C GLN A 113 12.99 17.65 14.36
N PHE A 114 12.62 18.80 14.90
CA PHE A 114 13.25 20.03 14.49
C PHE A 114 12.87 21.18 15.42
N ARG A 115 13.68 22.23 15.39
CA ARG A 115 13.51 23.40 16.21
C ARG A 115 12.90 24.47 15.36
N TYR A 116 11.88 25.14 15.92
CA TYR A 116 11.18 26.21 15.26
C TYR A 116 10.92 27.31 16.27
N GLY A 117 11.45 28.49 15.98
CA GLY A 117 11.29 29.60 16.90
C GLY A 117 11.86 29.25 18.26
N GLY A 118 12.76 28.28 18.29
CA GLY A 118 13.34 27.88 19.56
C GLY A 118 12.51 26.85 20.31
N THR A 119 11.55 26.22 19.65
CA THR A 119 10.76 25.18 20.31
C THR A 119 10.98 23.82 19.64
N PHE A 120 10.69 22.76 20.40
CA PHE A 120 10.83 21.39 19.90
C PHE A 120 9.55 20.99 19.12
N GLN A 121 9.70 20.76 17.82
CA GLN A 121 8.59 20.31 17.00
C GLN A 121 8.84 18.82 16.78
N ASN A 122 7.85 17.98 17.06
CA ASN A 122 8.02 16.54 16.90
C ASN A 122 6.84 15.92 16.15
N VAL A 123 7.14 15.26 15.05
CA VAL A 123 6.11 14.66 14.22
C VAL A 123 6.38 13.20 13.87
N SER A 124 5.33 12.39 13.94
CA SER A 124 5.40 11.00 13.59
C SER A 124 4.26 10.69 12.64
N VAL A 125 4.56 9.91 11.61
CA VAL A 125 3.58 9.55 10.61
C VAL A 125 3.99 8.20 10.06
N LYS A 126 3.01 7.36 9.73
CA LYS A 126 3.33 6.07 9.17
C LYS A 126 3.67 6.22 7.70
N LEU A 127 4.74 5.56 7.29
CA LEU A 127 5.19 5.60 5.90
C LEU A 127 4.43 4.53 5.10
N PRO A 128 3.75 4.95 4.02
CA PRO A 128 2.99 4.04 3.18
C PRO A 128 3.80 3.08 2.30
N ILE A 129 4.56 2.21 2.94
CA ILE A 129 5.32 1.21 2.23
C ILE A 129 4.58 -0.07 2.58
N THR A 130 3.85 -0.58 1.59
CA THR A 130 3.01 -1.76 1.74
C THR A 130 3.47 -2.92 0.85
N LEU A 131 3.04 -4.12 1.20
CA LEU A 131 3.44 -5.34 0.49
C LEU A 131 3.14 -5.36 -1.02
N ASN A 132 1.99 -4.83 -1.39
CA ASN A 132 1.57 -4.83 -2.79
C ASN A 132 2.42 -3.94 -3.70
N LYS A 133 3.30 -3.14 -3.09
CA LYS A 133 4.17 -2.25 -3.87
C LYS A 133 5.18 -3.07 -4.66
N PHE A 134 5.45 -4.29 -4.20
CA PHE A 134 6.43 -5.14 -4.85
C PHE A 134 5.80 -6.13 -5.80
N PHE A 135 4.68 -5.72 -6.34
CA PHE A 135 3.94 -6.52 -7.28
C PHE A 135 4.56 -6.49 -8.69
N GLN A 136 4.59 -7.65 -9.34
CA GLN A 136 4.98 -7.74 -10.74
C GLN A 136 3.67 -8.25 -11.37
N PRO A 137 2.99 -7.39 -12.16
CA PRO A 137 1.72 -7.83 -12.78
C PRO A 137 2.01 -8.95 -13.76
N THR A 138 1.10 -9.93 -13.82
CA THR A 138 1.26 -11.07 -14.73
C THR A 138 -0.01 -11.32 -15.53
N GLU A 139 0.05 -10.96 -16.81
CA GLU A 139 -1.05 -11.15 -17.73
C GLU A 139 -1.07 -12.64 -18.10
N MET A 140 -2.25 -13.21 -18.26
CA MET A 140 -2.35 -14.60 -18.64
C MET A 140 -3.75 -14.87 -19.19
N ALA A 141 -3.88 -15.90 -20.03
CA ALA A 141 -5.18 -16.25 -20.59
C ALA A 141 -6.04 -16.86 -19.50
N SER A 142 -7.34 -16.90 -19.74
CA SER A 142 -8.30 -17.45 -18.79
C SER A 142 -7.98 -18.90 -18.40
N GLN A 143 -7.59 -19.70 -19.38
CA GLN A 143 -7.28 -21.09 -19.13
C GLN A 143 -6.11 -21.23 -18.14
N ASP A 144 -5.06 -20.44 -18.35
CA ASP A 144 -3.90 -20.51 -17.49
C ASP A 144 -4.31 -20.14 -16.09
N PHE A 145 -5.07 -19.04 -15.98
CA PHE A 145 -5.54 -18.54 -14.70
C PHE A 145 -6.29 -19.60 -13.90
N PHE A 146 -7.27 -20.24 -14.51
CA PHE A 146 -8.01 -21.23 -13.75
C PHE A 146 -7.16 -22.42 -13.36
N GLN A 147 -6.23 -22.80 -14.23
CA GLN A 147 -5.34 -23.90 -13.94
C GLN A 147 -4.59 -23.57 -12.63
N ARG A 148 -4.04 -22.36 -12.58
CA ARG A 148 -3.32 -21.92 -11.39
C ARG A 148 -4.24 -21.75 -10.18
N TRP A 149 -5.46 -21.28 -10.43
CA TRP A 149 -6.43 -21.06 -9.36
C TRP A 149 -6.76 -22.35 -8.59
N LYS A 150 -6.79 -23.47 -9.32
CA LYS A 150 -7.13 -24.75 -8.72
C LYS A 150 -5.94 -25.55 -8.15
N GLN A 151 -4.76 -24.92 -8.12
CA GLN A 151 -3.59 -25.57 -7.57
C GLN A 151 -3.47 -25.25 -6.09
N LEU A 152 -4.36 -24.42 -5.58
CA LEU A 152 -4.37 -24.10 -4.17
C LEU A 152 -4.69 -25.42 -3.46
N SER A 153 -3.99 -25.74 -2.39
CA SER A 153 -4.27 -26.98 -1.67
C SER A 153 -4.57 -26.56 -0.26
N ASN A 154 -3.69 -25.71 0.23
CA ASN A 154 -3.77 -25.14 1.56
C ASN A 154 -5.00 -24.22 1.65
N PRO A 155 -6.00 -24.59 2.47
CA PRO A 155 -7.19 -23.74 2.59
C PRO A 155 -6.91 -22.37 3.26
N GLN A 156 -5.77 -22.27 3.94
CA GLN A 156 -5.37 -21.04 4.62
C GLN A 156 -4.84 -20.04 3.59
N GLN A 157 -4.45 -20.57 2.43
CA GLN A 157 -3.95 -19.70 1.39
C GLN A 157 -5.09 -18.99 0.69
N GLU A 158 -6.34 -19.26 1.12
CA GLU A 158 -7.50 -18.60 0.53
C GLU A 158 -8.25 -17.70 1.51
N VAL A 159 -8.09 -16.40 1.30
CA VAL A 159 -8.75 -15.44 2.16
C VAL A 159 -9.87 -14.73 1.43
N GLN A 160 -11.07 -14.79 2.01
CA GLN A 160 -12.24 -14.17 1.43
C GLN A 160 -12.82 -13.17 2.42
N ASN A 161 -13.11 -11.98 1.95
CA ASN A 161 -13.68 -10.97 2.78
C ASN A 161 -14.92 -10.39 2.12
N ILE A 162 -16.03 -10.44 2.84
CA ILE A 162 -17.29 -9.90 2.34
C ILE A 162 -17.53 -8.63 3.14
N PHE A 163 -17.45 -7.50 2.47
CA PHE A 163 -17.56 -6.21 3.15
C PHE A 163 -18.48 -5.19 2.49
N LYS A 164 -18.85 -4.17 3.27
CA LYS A 164 -19.70 -3.08 2.81
C LYS A 164 -18.83 -2.06 2.13
N ALA A 165 -19.30 -1.53 1.00
CA ALA A 165 -18.54 -0.54 0.28
C ALA A 165 -18.50 0.77 1.06
N LYS A 166 -17.31 1.30 1.25
CA LYS A 166 -17.13 2.57 1.96
C LYS A 166 -17.10 3.73 0.96
N HIS A 167 -17.24 3.39 -0.32
CA HIS A 167 -17.23 4.37 -1.41
C HIS A 167 -18.18 3.97 -2.54
N PRO A 168 -18.58 4.95 -3.36
CA PRO A 168 -19.48 4.69 -4.50
C PRO A 168 -18.83 3.61 -5.35
N MET A 169 -19.62 2.66 -5.82
CA MET A 169 -19.08 1.57 -6.61
C MET A 169 -18.91 1.91 -8.10
N ASP A 170 -18.04 2.88 -8.37
CA ASP A 170 -17.75 3.33 -9.71
C ASP A 170 -16.86 2.33 -10.44
N THR A 171 -17.25 1.94 -11.63
CA THR A 171 -16.47 0.98 -12.38
C THR A 171 -15.06 1.44 -12.74
N GLU A 172 -14.95 2.56 -13.44
CA GLU A 172 -13.63 3.04 -13.82
C GLU A 172 -12.71 3.30 -12.61
N ILE A 173 -13.26 3.84 -11.53
CA ILE A 173 -12.48 4.08 -10.31
C ILE A 173 -11.96 2.72 -9.82
N THR A 174 -12.85 1.73 -9.75
CA THR A 174 -12.49 0.41 -9.30
C THR A 174 -11.37 -0.16 -10.15
N LYS A 175 -11.46 0.00 -11.48
CA LYS A 175 -10.41 -0.52 -12.35
C LYS A 175 -9.09 0.10 -11.95
N ALA A 176 -9.04 1.43 -11.94
CA ALA A 176 -7.83 2.16 -11.60
C ALA A 176 -7.28 1.72 -10.25
N LYS A 177 -8.18 1.47 -9.28
CA LYS A 177 -7.75 1.01 -7.95
C LYS A 177 -7.00 -0.33 -8.02
N ILE A 178 -7.54 -1.29 -8.76
CA ILE A 178 -6.91 -2.59 -8.89
C ILE A 178 -5.56 -2.52 -9.63
N ILE A 179 -5.52 -1.78 -10.74
CA ILE A 179 -4.29 -1.59 -11.49
C ILE A 179 -3.24 -0.89 -10.59
N GLY A 180 -3.67 0.16 -9.91
CA GLY A 180 -2.79 0.89 -9.01
C GLY A 180 -2.32 -0.02 -7.89
N PHE A 181 -3.18 -0.93 -7.43
CA PHE A 181 -2.82 -1.87 -6.35
C PHE A 181 -1.59 -2.67 -6.80
N GLY A 182 -1.51 -2.98 -8.09
CA GLY A 182 -0.33 -3.66 -8.59
C GLY A 182 -0.41 -4.91 -9.47
N SER A 183 -1.43 -5.73 -9.30
CA SER A 183 -1.53 -6.94 -10.11
C SER A 183 -2.00 -6.52 -11.50
N ALA A 184 -2.01 -7.48 -12.42
CA ALA A 184 -2.51 -7.21 -13.76
C ALA A 184 -4.03 -7.32 -13.62
N LEU A 185 -4.75 -6.65 -14.51
CA LEU A 185 -6.20 -6.71 -14.53
C LEU A 185 -6.52 -7.58 -15.74
N LEU A 186 -7.03 -8.78 -15.49
CA LEU A 186 -7.35 -9.72 -16.55
C LEU A 186 -8.79 -9.59 -17.02
N GLU A 187 -8.94 -9.43 -18.33
CA GLU A 187 -10.26 -9.30 -18.93
C GLU A 187 -10.78 -10.68 -19.29
N GLU A 188 -12.09 -10.81 -19.38
CA GLU A 188 -12.72 -12.07 -19.74
C GLU A 188 -12.14 -13.35 -19.09
N VAL A 189 -12.13 -13.38 -17.77
CA VAL A 189 -11.70 -14.55 -17.01
C VAL A 189 -12.98 -14.93 -16.28
N ASP A 190 -13.59 -13.96 -15.60
CA ASP A 190 -14.86 -14.21 -14.94
C ASP A 190 -15.89 -13.92 -16.03
N PRO A 191 -16.78 -14.89 -16.32
CA PRO A 191 -17.82 -14.74 -17.35
C PRO A 191 -18.69 -13.51 -17.08
N ASN A 192 -18.87 -13.18 -15.82
CA ASN A 192 -19.67 -12.01 -15.46
C ASN A 192 -18.77 -10.76 -15.64
N PRO A 193 -19.06 -9.96 -16.67
CA PRO A 193 -18.31 -8.75 -17.00
C PRO A 193 -18.26 -7.67 -15.92
N ALA A 194 -19.09 -7.79 -14.88
CA ALA A 194 -19.12 -6.80 -13.80
C ALA A 194 -18.04 -7.09 -12.77
N ASN A 195 -17.52 -8.30 -12.79
CA ASN A 195 -16.48 -8.68 -11.84
C ASN A 195 -15.08 -8.40 -12.33
N PHE A 196 -14.14 -8.38 -11.39
CA PHE A 196 -12.73 -8.15 -11.69
C PHE A 196 -11.88 -9.30 -11.19
N VAL A 197 -10.92 -9.67 -12.01
CA VAL A 197 -9.99 -10.73 -11.68
C VAL A 197 -8.58 -10.17 -11.83
N GLY A 198 -7.71 -10.50 -10.88
CA GLY A 198 -6.34 -10.04 -10.90
C GLY A 198 -5.34 -11.15 -10.64
N ALA A 199 -4.11 -10.96 -11.13
CA ALA A 199 -3.05 -11.93 -10.94
C ALA A 199 -1.70 -11.23 -11.01
N GLY A 200 -0.76 -11.67 -10.17
CA GLY A 200 0.57 -11.08 -10.18
C GLY A 200 1.51 -11.81 -9.23
N ILE A 201 2.77 -11.41 -9.21
CA ILE A 201 3.77 -12.03 -8.33
C ILE A 201 4.28 -11.01 -7.33
N ILE A 202 4.33 -11.38 -6.04
CA ILE A 202 4.86 -10.47 -5.03
C ILE A 202 6.33 -10.82 -4.90
N HIS A 203 7.20 -9.86 -5.16
CA HIS A 203 8.64 -10.08 -5.11
C HIS A 203 9.33 -9.67 -3.83
N THR A 204 10.08 -10.60 -3.25
CA THR A 204 10.84 -10.36 -2.03
C THR A 204 12.16 -11.06 -2.22
N LYS A 205 13.15 -10.69 -1.42
CA LYS A 205 14.47 -11.30 -1.53
C LYS A 205 14.49 -12.81 -1.43
N THR A 206 13.79 -13.34 -0.43
CA THR A 206 13.79 -14.78 -0.17
C THR A 206 12.78 -15.64 -0.93
N THR A 207 11.62 -15.08 -1.28
CA THR A 207 10.64 -15.89 -2.00
C THR A 207 9.72 -15.06 -2.89
N GLN A 208 9.28 -15.70 -3.98
CA GLN A 208 8.38 -15.08 -4.97
C GLN A 208 6.98 -15.68 -4.79
N ILE A 209 6.03 -14.87 -4.37
CA ILE A 209 4.66 -15.37 -4.14
C ILE A 209 3.66 -15.13 -5.27
N GLY A 210 3.16 -16.22 -5.84
CA GLY A 210 2.17 -16.13 -6.90
C GLY A 210 0.89 -15.73 -6.21
N CYS A 211 0.13 -14.82 -6.80
CA CYS A 211 -1.11 -14.33 -6.21
C CYS A 211 -2.22 -14.18 -7.25
N LEU A 212 -3.42 -14.63 -6.88
CA LEU A 212 -4.58 -14.52 -7.76
C LEU A 212 -5.66 -13.84 -6.93
N LEU A 213 -6.59 -13.14 -7.58
CA LEU A 213 -7.63 -12.43 -6.85
C LEU A 213 -8.90 -12.20 -7.66
N ARG A 214 -10.01 -12.06 -6.94
CA ARG A 214 -11.30 -11.87 -7.57
C ARG A 214 -12.12 -10.89 -6.75
N LEU A 215 -12.60 -9.82 -7.39
CA LEU A 215 -13.42 -8.82 -6.70
C LEU A 215 -14.82 -8.91 -7.31
N GLU A 216 -15.79 -9.11 -6.44
CA GLU A 216 -17.18 -9.24 -6.84
C GLU A 216 -18.10 -8.16 -6.25
N PRO A 217 -18.53 -7.20 -7.08
CA PRO A 217 -19.41 -6.13 -6.61
C PRO A 217 -20.86 -6.60 -6.55
N ASN A 218 -21.61 -6.04 -5.61
CA ASN A 218 -23.04 -6.32 -5.51
C ASN A 218 -23.57 -4.91 -5.35
N LEU A 219 -23.99 -4.31 -6.46
CA LEU A 219 -24.48 -2.94 -6.47
C LEU A 219 -25.70 -2.65 -5.60
N GLN A 220 -26.69 -3.54 -5.59
CA GLN A 220 -27.89 -3.33 -4.78
C GLN A 220 -27.56 -3.37 -3.29
N ALA A 221 -26.75 -4.34 -2.91
CA ALA A 221 -26.37 -4.48 -1.52
C ALA A 221 -25.29 -3.46 -1.15
N GLN A 222 -24.60 -2.93 -2.16
CA GLN A 222 -23.51 -1.98 -1.91
C GLN A 222 -22.39 -2.74 -1.18
N MET A 223 -22.16 -3.96 -1.62
CA MET A 223 -21.15 -4.80 -1.01
C MET A 223 -20.20 -5.48 -1.98
N TYR A 224 -19.11 -5.99 -1.43
CA TYR A 224 -18.15 -6.68 -2.26
C TYR A 224 -17.77 -7.97 -1.64
N ARG A 225 -17.23 -8.85 -2.45
CA ARG A 225 -16.68 -10.08 -1.94
C ARG A 225 -15.33 -10.14 -2.64
N LEU A 226 -14.27 -10.02 -1.85
CA LEU A 226 -12.94 -10.10 -2.40
C LEU A 226 -12.38 -11.46 -2.05
N THR A 227 -11.77 -12.12 -3.02
CA THR A 227 -11.17 -13.43 -2.81
C THR A 227 -9.69 -13.45 -3.25
N LEU A 228 -8.82 -13.76 -2.30
CA LEU A 228 -7.40 -13.86 -2.55
C LEU A 228 -6.94 -15.30 -2.45
N ARG A 229 -6.06 -15.70 -3.36
CA ARG A 229 -5.45 -17.02 -3.37
C ARG A 229 -4.01 -16.82 -3.80
N THR A 230 -3.08 -17.07 -2.88
CA THR A 230 -1.65 -16.91 -3.14
C THR A 230 -0.93 -18.16 -2.65
N SER A 231 0.38 -18.21 -2.88
CA SER A 231 1.18 -19.34 -2.47
C SER A 231 1.68 -19.17 -1.06
N LYS A 232 1.22 -18.13 -0.37
CA LYS A 232 1.62 -17.96 1.03
C LYS A 232 0.51 -17.34 1.85
N ASP A 233 0.05 -18.07 2.86
CA ASP A 233 -1.03 -17.64 3.74
C ASP A 233 -0.99 -16.19 4.23
N THR A 234 0.16 -15.75 4.75
CA THR A 234 0.31 -14.37 5.25
C THR A 234 0.21 -13.33 4.12
N VAL A 235 0.63 -13.71 2.93
CA VAL A 235 0.52 -12.79 1.81
C VAL A 235 -0.98 -12.63 1.47
N SER A 236 -1.69 -13.75 1.33
CA SER A 236 -3.12 -13.71 1.05
C SER A 236 -3.83 -12.85 2.09
N GLN A 237 -3.45 -13.00 3.36
CA GLN A 237 -4.07 -12.21 4.42
C GLN A 237 -3.84 -10.72 4.29
N ARG A 238 -2.58 -10.30 4.22
CA ARG A 238 -2.25 -8.88 4.11
C ARG A 238 -2.78 -8.18 2.87
N LEU A 239 -2.73 -8.84 1.71
CA LEU A 239 -3.25 -8.20 0.49
C LEU A 239 -4.77 -8.05 0.56
N CYS A 240 -5.45 -9.01 1.19
CA CYS A 240 -6.90 -8.93 1.32
C CYS A 240 -7.29 -7.77 2.21
N GLU A 241 -6.60 -7.58 3.33
CA GLU A 241 -6.89 -6.47 4.24
C GLU A 241 -6.67 -5.14 3.51
N LEU A 242 -5.51 -4.99 2.89
CA LEU A 242 -5.16 -3.78 2.17
C LEU A 242 -6.18 -3.41 1.12
N LEU A 243 -6.47 -4.36 0.23
CA LEU A 243 -7.41 -4.09 -0.85
C LEU A 243 -8.84 -3.86 -0.36
N SER A 244 -9.24 -4.58 0.68
CA SER A 244 -10.59 -4.43 1.22
C SER A 244 -10.88 -3.00 1.66
N GLU A 245 -9.89 -2.33 2.24
CA GLU A 245 -10.06 -0.97 2.73
C GLU A 245 -10.22 0.08 1.61
N GLN A 246 -9.84 -0.28 0.40
CA GLN A 246 -9.93 0.63 -0.74
C GLN A 246 -11.33 0.81 -1.33
N PHE A 247 -12.26 -0.10 -1.06
CA PHE A 247 -13.58 0.03 -1.66
C PHE A 247 -14.76 0.25 -0.72
N SER B 1 -16.34 -19.50 -18.25
CA SER B 1 -15.29 -19.72 -17.20
C SER B 1 -15.88 -20.47 -16.01
N PHE B 2 -15.18 -20.50 -14.88
CA PHE B 2 -15.73 -21.28 -13.78
C PHE B 2 -15.14 -21.22 -12.38
N PHE B 3 -15.61 -20.28 -11.57
CA PHE B 3 -15.18 -20.25 -10.18
C PHE B 3 -16.20 -21.24 -9.61
N GLU B 4 -15.93 -21.85 -8.47
CA GLU B 4 -16.89 -22.81 -7.94
C GLU B 4 -18.21 -22.14 -7.59
N ASP B 5 -18.15 -20.95 -7.00
CA ASP B 5 -19.37 -20.23 -6.63
C ASP B 5 -19.27 -18.75 -6.97
N ASN B 6 -20.39 -18.04 -6.80
CA ASN B 6 -20.44 -16.63 -7.11
C ASN B 6 -21.13 -15.85 -5.98
N PHE B 7 -20.49 -14.77 -5.55
CA PHE B 7 -21.04 -13.96 -4.48
C PHE B 7 -22.40 -13.42 -4.85
N VAL B 8 -22.49 -12.82 -6.02
CA VAL B 8 -23.75 -12.28 -6.45
C VAL B 8 -24.71 -13.41 -6.82
N PRO B 9 -25.70 -13.68 -5.96
CA PRO B 9 -26.68 -14.74 -6.19
C PRO B 9 -27.76 -14.31 -7.18
#